data_6RZ8
#
_entry.id   6RZ8
#
_cell.length_a   78.440
_cell.length_b   78.440
_cell.length_c   172.030
_cell.angle_alpha   90.00
_cell.angle_beta   90.00
_cell.angle_gamma   90.00
#
_symmetry.space_group_name_H-M   'I 4'
#
loop_
_entity.id
_entity.type
_entity.pdbx_description
1 polymer 'Cysteinyl leukotriene receptor 2,Soluble cytochrome b562,Cysteinyl leukotriene receptor 2'
2 non-polymer '(2~{S})-8-[[4-[4-[2,3-bis(fluoranyl)phenoxy]butoxy]-2-fluoranyl-phenyl]carbonylamino]-4-(4-oxidanyl-4-oxidanylidene-but yl)-2,3-dihydro-1,4-benzoxazine-2-carboxylic acid'
3 non-polymer '(2R)-2,3-dihydroxypropyl (9Z)-octadec-9-enoate'
4 non-polymer 'OLEIC ACID'
5 water water
#
_entity_poly.entity_id   1
_entity_poly.type   'polypeptide(L)'
_entity_poly.pdbx_seq_one_letter_code
;MEPNGTFSNNNSRNCTIENFKREFFPIVYLIIFFVGVLGNGLSIYVFLQPYKKSTSVNVFMLNLAISNLLFISTLPFRAD
YYLRGSNWIFGDLACRIMSYSLYVNMYSSIYFLTVLSVVRYLAMVHPFRLLHVTSIRSAWILCGIIWILIMASSIMLLDS
GSEQNGSVTSCLELNLYKIAKLQTMNYIALVVGCLLPFFTLSICYLLIIRVLLKVEADLEDNWETLNDNLKVIEKADNAA
QVKDALTKMRAAALDAQKATPPKLEDKSPDSPEMKDFRHGFDILVGQIDDALKLANEGKVKEAQAAAEQLKTTRNAYIQK
YLVSHRKALTTIIITLIIFFLCFLPYHTLRTVHLTTWKVGLCKDRLHKALVITLALAAANACFNPLLYYFAGENFKDRLK
SALRK
;
_entity_poly.pdbx_strand_id   A
#
loop_
_chem_comp.id
_chem_comp.type
_chem_comp.name
_chem_comp.formula
KNZ non-polymer '(2~{S})-8-[[4-[4-[2,3-bis(fluoranyl)phenoxy]butoxy]-2-fluoranyl-phenyl]carbonylamino]-4-(4-oxidanyl-4-oxidanylidene-but yl)-2,3-dihydro-1,4-benzoxazine-2-carboxylic acid' 'C30 H29 F3 N2 O8'
OLA non-polymer 'OLEIC ACID' 'C18 H34 O2'
OLC non-polymer '(2R)-2,3-dihydroxypropyl (9Z)-octadec-9-enoate' 'C21 H40 O4'
#
# COMPACT_ATOMS: atom_id res chain seq x y z
N CYS A 15 -34.11 -13.30 -10.41
CA CYS A 15 -34.88 -13.01 -11.61
C CYS A 15 -34.15 -13.67 -12.77
N THR A 16 -33.56 -12.84 -13.64
CA THR A 16 -32.51 -13.29 -14.55
C THR A 16 -31.14 -12.80 -14.10
N ILE A 17 -31.08 -11.99 -13.05
CA ILE A 17 -29.83 -11.71 -12.35
C ILE A 17 -29.17 -13.00 -11.90
N GLU A 18 -29.97 -14.03 -11.62
CA GLU A 18 -29.43 -15.28 -11.11
C GLU A 18 -28.64 -16.03 -12.19
N ASN A 19 -29.12 -15.99 -13.43
CA ASN A 19 -28.38 -16.60 -14.52
C ASN A 19 -27.02 -15.93 -14.68
N PHE A 20 -27.00 -14.59 -14.63
CA PHE A 20 -25.74 -13.87 -14.72
C PHE A 20 -24.82 -14.23 -13.55
N LYS A 21 -25.37 -14.30 -12.34
CA LYS A 21 -24.56 -14.67 -11.18
C LYS A 21 -23.96 -16.06 -11.36
N ARG A 22 -24.75 -17.02 -11.84
CA ARG A 22 -24.28 -18.39 -11.97
C ARG A 22 -23.28 -18.54 -13.10
N GLU A 23 -23.29 -17.63 -14.08
CA GLU A 23 -22.23 -17.62 -15.08
C GLU A 23 -20.99 -16.89 -14.58
N PHE A 24 -21.17 -15.80 -13.82
CA PHE A 24 -20.10 -14.86 -13.52
C PHE A 24 -19.29 -15.29 -12.30
N PHE A 25 -19.95 -15.56 -11.18
CA PHE A 25 -19.22 -15.87 -9.96
C PHE A 25 -18.28 -17.07 -10.07
N PRO A 26 -18.64 -18.20 -10.68
CA PRO A 26 -17.67 -19.32 -10.75
C PRO A 26 -16.35 -18.92 -11.39
N ILE A 27 -16.41 -18.22 -12.53
CA ILE A 27 -15.20 -17.86 -13.25
C ILE A 27 -14.29 -17.00 -12.38
N VAL A 28 -14.82 -15.90 -11.85
CA VAL A 28 -14.01 -14.94 -11.11
C VAL A 28 -13.52 -15.55 -9.80
N TYR A 29 -14.36 -16.32 -9.13
CA TYR A 29 -13.95 -16.94 -7.86
C TYR A 29 -12.85 -17.96 -8.09
N LEU A 30 -12.93 -18.75 -9.15
CA LEU A 30 -11.89 -19.74 -9.41
C LEU A 30 -10.58 -19.06 -9.84
N ILE A 31 -10.68 -17.99 -10.63
CA ILE A 31 -9.49 -17.24 -11.00
C ILE A 31 -8.82 -16.66 -9.75
N ILE A 32 -9.60 -15.98 -8.91
CA ILE A 32 -9.07 -15.43 -7.67
C ILE A 32 -8.44 -16.54 -6.84
N PHE A 33 -9.11 -17.69 -6.76
CA PHE A 33 -8.58 -18.79 -5.94
C PHE A 33 -7.20 -19.21 -6.42
N PHE A 34 -7.07 -19.53 -7.70
CA PHE A 34 -5.79 -20.07 -8.14
C PHE A 34 -4.69 -19.00 -8.10
N VAL A 35 -4.98 -17.82 -8.64
CA VAL A 35 -3.98 -16.74 -8.61
C VAL A 35 -3.57 -16.41 -7.18
N GLY A 36 -4.54 -16.39 -6.26
CA GLY A 36 -4.28 -15.98 -4.90
C GLY A 36 -3.57 -17.02 -4.08
N VAL A 37 -3.95 -18.30 -4.23
CA VAL A 37 -3.16 -19.37 -3.61
C VAL A 37 -1.70 -19.24 -4.05
N LEU A 38 -1.46 -19.10 -5.36
CA LEU A 38 -0.08 -18.99 -5.83
C LEU A 38 0.65 -17.80 -5.19
N GLY A 39 0.09 -16.60 -5.34
CA GLY A 39 0.74 -15.41 -4.84
C GLY A 39 0.94 -15.42 -3.33
N ASN A 40 -0.15 -15.66 -2.58
CA ASN A 40 -0.09 -15.63 -1.12
C ASN A 40 0.78 -16.76 -0.56
N GLY A 41 0.81 -17.93 -1.21
CA GLY A 41 1.71 -18.98 -0.76
C GLY A 41 3.16 -18.59 -0.91
N LEU A 42 3.54 -18.12 -2.11
CA LEU A 42 4.91 -17.62 -2.28
C LEU A 42 5.23 -16.55 -1.23
N SER A 43 4.32 -15.60 -1.03
CA SER A 43 4.58 -14.48 -0.13
C SER A 43 4.77 -14.94 1.30
N ILE A 44 3.88 -15.80 1.79
CA ILE A 44 3.96 -16.27 3.17
C ILE A 44 5.20 -17.14 3.36
N TYR A 45 5.59 -17.88 2.32
CA TYR A 45 6.82 -18.65 2.41
C TYR A 45 8.02 -17.73 2.59
N VAL A 46 8.05 -16.63 1.84
CA VAL A 46 9.16 -15.67 1.96
C VAL A 46 9.14 -15.01 3.33
N PHE A 47 7.96 -14.64 3.82
CA PHE A 47 7.86 -13.88 5.06
C PHE A 47 8.30 -14.71 6.27
N LEU A 48 8.03 -16.01 6.27
CA LEU A 48 8.30 -16.85 7.42
C LEU A 48 9.73 -17.36 7.48
N GLN A 49 10.57 -17.06 6.49
CA GLN A 49 11.95 -17.51 6.53
C GLN A 49 12.72 -16.74 7.58
N PRO A 50 13.49 -17.41 8.45
CA PRO A 50 14.22 -16.72 9.51
C PRO A 50 15.49 -16.04 9.05
N TYR A 51 15.87 -16.20 7.78
CA TYR A 51 17.13 -15.66 7.30
C TYR A 51 17.11 -14.14 7.26
N LYS A 52 16.15 -13.56 6.53
CA LYS A 52 16.09 -12.12 6.39
C LYS A 52 15.69 -11.45 7.71
N LYS A 53 16.25 -10.27 7.96
CA LYS A 53 15.88 -9.53 9.16
C LYS A 53 14.43 -9.13 9.10
N SER A 54 13.69 -9.42 10.17
CA SER A 54 12.26 -9.13 10.20
C SER A 54 12.03 -7.64 10.43
N THR A 55 11.11 -7.07 9.66
CA THR A 55 10.70 -5.68 9.78
C THR A 55 9.22 -5.63 10.14
N SER A 56 8.75 -4.44 10.52
CA SER A 56 7.35 -4.28 10.91
C SER A 56 6.42 -4.40 9.71
N VAL A 57 6.81 -3.80 8.58
CA VAL A 57 6.01 -3.90 7.37
C VAL A 57 5.81 -5.36 6.98
N ASN A 58 6.80 -6.20 7.29
CA ASN A 58 6.66 -7.63 7.00
C ASN A 58 5.65 -8.29 7.93
N VAL A 59 5.56 -7.84 9.18
CA VAL A 59 4.52 -8.35 10.07
C VAL A 59 3.14 -8.02 9.52
N PHE A 60 2.95 -6.76 9.11
CA PHE A 60 1.66 -6.38 8.54
C PHE A 60 1.34 -7.16 7.27
N MET A 61 2.34 -7.32 6.39
CA MET A 61 2.11 -8.04 5.13
C MET A 61 1.85 -9.52 5.38
N LEU A 62 2.51 -10.10 6.38
CA LEU A 62 2.26 -11.49 6.74
C LEU A 62 0.84 -11.68 7.22
N ASN A 63 0.39 -10.80 8.13
CA ASN A 63 -0.96 -10.91 8.63
C ASN A 63 -1.94 -10.74 7.50
N LEU A 64 -1.65 -9.83 6.57
CA LEU A 64 -2.57 -9.60 5.46
C LEU A 64 -2.64 -10.80 4.53
N ALA A 65 -1.48 -11.40 4.25
CA ALA A 65 -1.46 -12.58 3.39
C ALA A 65 -2.15 -13.76 4.05
N ILE A 66 -1.97 -13.93 5.36
CA ILE A 66 -2.66 -15.01 6.06
C ILE A 66 -4.18 -14.79 6.03
N SER A 67 -4.63 -13.56 6.26
CA SER A 67 -6.06 -13.28 6.19
C SER A 67 -6.60 -13.58 4.79
N ASN A 68 -5.92 -13.07 3.76
CA ASN A 68 -6.40 -13.30 2.40
C ASN A 68 -6.40 -14.77 2.05
N LEU A 69 -5.43 -15.53 2.54
CA LEU A 69 -5.36 -16.96 2.21
C LEU A 69 -6.48 -17.74 2.89
N LEU A 70 -6.75 -17.42 4.16
CA LEU A 70 -7.90 -18.00 4.84
C LEU A 70 -9.19 -17.72 4.06
N PHE A 71 -9.35 -16.49 3.59
CA PHE A 71 -10.53 -16.18 2.77
C PHE A 71 -10.54 -16.96 1.47
N ILE A 72 -9.40 -17.00 0.76
CA ILE A 72 -9.31 -17.67 -0.52
C ILE A 72 -9.68 -19.14 -0.40
N SER A 73 -9.37 -19.75 0.75
CA SER A 73 -9.70 -21.16 0.94
C SER A 73 -11.21 -21.43 0.92
N THR A 74 -12.05 -20.40 1.09
CA THR A 74 -13.50 -20.59 1.03
C THR A 74 -14.07 -20.43 -0.37
N LEU A 75 -13.30 -19.82 -1.28
CA LEU A 75 -13.83 -19.54 -2.62
C LEU A 75 -14.25 -20.78 -3.40
N PRO A 76 -13.58 -21.94 -3.31
CA PRO A 76 -14.12 -23.12 -4.00
C PRO A 76 -15.55 -23.47 -3.60
N PHE A 77 -15.92 -23.22 -2.35
CA PHE A 77 -17.28 -23.51 -1.91
C PHE A 77 -18.28 -22.55 -2.54
N ARG A 78 -17.95 -21.25 -2.57
CA ARG A 78 -18.79 -20.29 -3.27
C ARG A 78 -18.93 -20.66 -4.75
N ALA A 79 -17.83 -21.03 -5.40
CA ALA A 79 -17.89 -21.39 -6.82
C ALA A 79 -18.76 -22.63 -7.04
N ASP A 80 -18.60 -23.64 -6.19
CA ASP A 80 -19.45 -24.83 -6.21
C ASP A 80 -20.92 -24.46 -6.10
N TYR A 81 -21.26 -23.61 -5.13
CA TYR A 81 -22.65 -23.18 -4.94
C TYR A 81 -23.27 -22.70 -6.24
N TYR A 82 -22.57 -21.84 -6.97
CA TYR A 82 -23.15 -21.28 -8.18
C TYR A 82 -23.10 -22.26 -9.33
N LEU A 83 -22.06 -23.10 -9.40
CA LEU A 83 -22.00 -24.12 -10.44
C LEU A 83 -23.11 -25.15 -10.30
N ARG A 84 -23.67 -25.32 -9.10
CA ARG A 84 -24.81 -26.21 -8.90
C ARG A 84 -26.15 -25.52 -9.15
N GLY A 85 -26.14 -24.32 -9.69
CA GLY A 85 -27.38 -23.59 -9.85
C GLY A 85 -27.92 -23.03 -8.55
N SER A 86 -27.04 -22.49 -7.70
CA SER A 86 -27.42 -21.85 -6.44
C SER A 86 -28.07 -22.84 -5.47
N ASN A 87 -27.43 -24.00 -5.32
CA ASN A 87 -27.79 -24.99 -4.31
C ASN A 87 -26.62 -25.17 -3.34
N TRP A 88 -26.90 -25.07 -2.04
CA TRP A 88 -25.88 -25.24 -1.02
C TRP A 88 -25.96 -26.64 -0.43
N ILE A 89 -24.84 -27.36 -0.44
CA ILE A 89 -24.80 -28.74 0.01
C ILE A 89 -23.87 -28.94 1.20
N PHE A 90 -23.30 -27.88 1.75
CA PHE A 90 -22.20 -28.02 2.70
C PHE A 90 -22.61 -27.89 4.15
N GLY A 91 -23.88 -27.63 4.43
CA GLY A 91 -24.33 -27.56 5.80
C GLY A 91 -24.47 -26.13 6.31
N ASP A 92 -25.20 -25.99 7.41
CA ASP A 92 -25.56 -24.67 7.92
C ASP A 92 -24.36 -23.94 8.51
N LEU A 93 -23.40 -24.66 9.07
CA LEU A 93 -22.22 -24.00 9.66
C LEU A 93 -21.33 -23.40 8.59
N ALA A 94 -21.08 -24.14 7.51
CA ALA A 94 -20.23 -23.63 6.44
C ALA A 94 -20.83 -22.39 5.80
N CYS A 95 -22.16 -22.34 5.68
CA CYS A 95 -22.81 -21.15 5.12
C CYS A 95 -22.55 -19.93 6.00
N ARG A 96 -22.66 -20.10 7.32
CA ARG A 96 -22.33 -19.02 8.26
C ARG A 96 -20.88 -18.57 8.08
N ILE A 97 -19.96 -19.54 8.00
CA ILE A 97 -18.55 -19.22 7.88
C ILE A 97 -18.26 -18.47 6.58
N MET A 98 -19.01 -18.76 5.52
CA MET A 98 -18.84 -18.01 4.26
C MET A 98 -18.92 -16.51 4.50
N SER A 99 -20.06 -16.04 5.00
CA SER A 99 -20.25 -14.61 5.26
C SER A 99 -19.22 -14.10 6.25
N TYR A 100 -19.02 -14.84 7.35
CA TYR A 100 -18.09 -14.38 8.39
C TYR A 100 -16.71 -14.14 7.81
N SER A 101 -16.21 -15.08 7.02
CA SER A 101 -14.85 -14.97 6.48
C SER A 101 -14.76 -13.88 5.43
N LEU A 102 -15.77 -13.77 4.54
CA LEU A 102 -15.78 -12.66 3.58
C LEU A 102 -15.54 -11.34 4.29
N TYR A 103 -16.40 -11.01 5.25
CA TYR A 103 -16.32 -9.65 5.81
C TYR A 103 -15.14 -9.48 6.76
N VAL A 104 -14.80 -10.52 7.53
CA VAL A 104 -13.60 -10.44 8.36
C VAL A 104 -12.37 -10.17 7.51
N ASN A 105 -12.20 -10.93 6.42
CA ASN A 105 -11.09 -10.68 5.51
C ASN A 105 -11.11 -9.26 5.01
N MET A 106 -12.26 -8.82 4.48
CA MET A 106 -12.34 -7.51 3.83
C MET A 106 -11.87 -6.41 4.77
N TYR A 107 -12.44 -6.35 5.97
CA TYR A 107 -12.13 -5.22 6.84
C TYR A 107 -10.78 -5.38 7.55
N SER A 108 -10.34 -6.62 7.80
CA SER A 108 -8.97 -6.82 8.25
C SER A 108 -7.97 -6.36 7.20
N SER A 109 -8.27 -6.57 5.93
CA SER A 109 -7.37 -6.13 4.86
C SER A 109 -7.32 -4.61 4.79
N ILE A 110 -8.49 -3.97 4.85
CA ILE A 110 -8.53 -2.52 4.82
C ILE A 110 -7.73 -1.95 5.99
N TYR A 111 -7.88 -2.53 7.18
CA TYR A 111 -7.15 -2.01 8.34
C TYR A 111 -5.65 -2.32 8.26
N PHE A 112 -5.28 -3.49 7.76
CA PHE A 112 -3.86 -3.79 7.61
C PHE A 112 -3.19 -2.78 6.68
N LEU A 113 -3.82 -2.49 5.53
CA LEU A 113 -3.27 -1.51 4.60
C LEU A 113 -3.20 -0.12 5.23
N THR A 114 -4.27 0.29 5.91
CA THR A 114 -4.30 1.63 6.50
C THR A 114 -3.26 1.80 7.59
N VAL A 115 -3.11 0.79 8.45
CA VAL A 115 -2.13 0.88 9.53
C VAL A 115 -0.72 0.85 8.97
N LEU A 116 -0.47 0.04 7.94
CA LEU A 116 0.82 0.08 7.27
C LEU A 116 1.13 1.49 6.76
N SER A 117 0.11 2.16 6.24
CA SER A 117 0.32 3.51 5.70
C SER A 117 0.64 4.51 6.80
N VAL A 118 -0.12 4.47 7.89
CA VAL A 118 0.16 5.34 9.04
C VAL A 118 1.57 5.09 9.56
N VAL A 119 1.98 3.82 9.62
CA VAL A 119 3.31 3.48 10.09
C VAL A 119 4.38 4.08 9.18
N ARG A 120 4.19 3.99 7.87
CA ARG A 120 5.18 4.56 6.95
C ARG A 120 5.27 6.07 7.09
N TYR A 121 4.12 6.75 7.16
CA TYR A 121 4.13 8.20 7.36
C TYR A 121 4.88 8.58 8.63
N LEU A 122 4.57 7.91 9.75
CA LEU A 122 5.26 8.24 11.00
C LEU A 122 6.74 7.88 10.93
N ALA A 123 7.09 6.86 10.16
CA ALA A 123 8.50 6.52 9.99
C ALA A 123 9.25 7.63 9.27
N MET A 124 8.60 8.27 8.29
CA MET A 124 9.25 9.41 7.63
C MET A 124 9.32 10.62 8.55
N VAL A 125 8.23 10.91 9.27
CA VAL A 125 8.21 12.13 10.09
C VAL A 125 9.12 11.98 11.31
N HIS A 126 9.03 10.85 12.01
CA HIS A 126 9.80 10.66 13.24
C HIS A 126 11.24 10.27 12.95
N THR A 134 11.59 -3.65 18.74
CA THR A 134 10.52 -3.05 19.53
C THR A 134 9.31 -2.76 18.66
N SER A 135 9.55 -2.07 17.54
CA SER A 135 8.47 -1.82 16.58
C SER A 135 7.92 -3.11 15.99
N ILE A 136 8.70 -4.19 16.00
CA ILE A 136 8.20 -5.48 15.53
C ILE A 136 7.13 -6.00 16.49
N ARG A 137 7.42 -5.97 17.79
CA ARG A 137 6.42 -6.35 18.79
C ARG A 137 5.22 -5.41 18.74
N SER A 138 5.46 -4.12 18.47
CA SER A 138 4.36 -3.18 18.33
C SER A 138 3.48 -3.53 17.15
N ALA A 139 4.08 -3.94 16.02
CA ALA A 139 3.32 -4.36 14.86
C ALA A 139 2.50 -5.61 15.17
N TRP A 140 3.10 -6.58 15.87
CA TRP A 140 2.32 -7.76 16.24
C TRP A 140 1.16 -7.40 17.15
N ILE A 141 1.35 -6.47 18.08
CA ILE A 141 0.26 -6.06 18.96
C ILE A 141 -0.83 -5.36 18.16
N LEU A 142 -0.45 -4.49 17.20
CA LEU A 142 -1.44 -3.83 16.36
C LEU A 142 -2.24 -4.84 15.54
N CYS A 143 -1.56 -5.84 15.00
CA CYS A 143 -2.25 -6.84 14.20
C CYS A 143 -3.18 -7.69 15.07
N GLY A 144 -2.76 -8.02 16.29
CA GLY A 144 -3.65 -8.74 17.18
C GLY A 144 -4.89 -7.93 17.52
N ILE A 145 -4.71 -6.63 17.79
CA ILE A 145 -5.84 -5.74 18.04
C ILE A 145 -6.78 -5.74 16.84
N ILE A 146 -6.23 -5.65 15.63
CA ILE A 146 -7.06 -5.61 14.43
C ILE A 146 -7.85 -6.90 14.28
N TRP A 147 -7.17 -8.05 14.43
CA TRP A 147 -7.85 -9.33 14.38
C TRP A 147 -9.01 -9.38 15.37
N ILE A 148 -8.76 -9.01 16.63
CA ILE A 148 -9.79 -9.12 17.65
C ILE A 148 -10.95 -8.19 17.35
N LEU A 149 -10.65 -6.94 16.99
CA LEU A 149 -11.69 -5.97 16.63
C LEU A 149 -12.59 -6.54 15.55
N ILE A 150 -11.99 -6.93 14.43
CA ILE A 150 -12.79 -7.32 13.27
C ILE A 150 -13.57 -8.60 13.54
N MET A 151 -12.95 -9.57 14.23
CA MET A 151 -13.64 -10.84 14.47
C MET A 151 -14.76 -10.68 15.50
N ALA A 152 -14.54 -9.90 16.56
CA ALA A 152 -15.58 -9.70 17.56
C ALA A 152 -16.75 -8.91 16.97
N SER A 153 -16.45 -7.81 16.28
CA SER A 153 -17.49 -6.95 15.75
C SER A 153 -18.27 -7.59 14.60
N SER A 154 -17.83 -8.73 14.08
CA SER A 154 -18.49 -9.38 12.95
C SER A 154 -19.28 -10.64 13.34
N ILE A 155 -19.39 -10.93 14.64
CA ILE A 155 -19.92 -12.23 15.07
C ILE A 155 -21.39 -12.41 14.70
N MET A 156 -22.16 -11.32 14.57
CA MET A 156 -23.58 -11.49 14.23
C MET A 156 -23.76 -12.06 12.83
N LEU A 157 -22.74 -11.96 11.97
CA LEU A 157 -22.81 -12.62 10.66
C LEU A 157 -23.00 -14.12 10.82
N LEU A 158 -22.52 -14.69 11.93
CA LEU A 158 -22.69 -16.11 12.22
C LEU A 158 -24.15 -16.47 12.53
N ASP A 159 -25.00 -15.49 12.85
CA ASP A 159 -26.41 -15.78 13.05
C ASP A 159 -27.12 -16.08 11.73
N SER A 160 -26.63 -15.51 10.62
CA SER A 160 -27.22 -15.76 9.31
C SER A 160 -26.73 -17.12 8.80
N GLY A 161 -27.66 -18.03 8.56
CA GLY A 161 -27.32 -19.35 8.10
C GLY A 161 -27.95 -19.73 6.77
N SER A 162 -27.81 -20.99 6.38
CA SER A 162 -28.41 -21.47 5.15
C SER A 162 -29.92 -21.55 5.28
N GLU A 163 -30.64 -20.86 4.40
CA GLU A 163 -32.10 -20.93 4.33
C GLU A 163 -32.52 -21.88 3.23
N GLN A 164 -33.65 -22.57 3.44
CA GLN A 164 -34.10 -23.63 2.54
C GLN A 164 -35.52 -23.36 2.07
N ASN A 165 -35.74 -23.57 0.77
CA ASN A 165 -37.05 -23.41 0.14
C ASN A 165 -37.25 -24.62 -0.77
N GLY A 166 -37.97 -25.61 -0.27
CA GLY A 166 -38.17 -26.83 -1.02
C GLY A 166 -36.94 -27.71 -1.09
N SER A 167 -36.34 -27.81 -2.27
CA SER A 167 -35.19 -28.68 -2.49
C SER A 167 -33.92 -27.90 -2.77
N VAL A 168 -33.95 -26.59 -2.63
CA VAL A 168 -32.82 -25.74 -3.00
C VAL A 168 -32.42 -24.99 -1.74
N THR A 169 -31.44 -25.52 -1.01
CA THR A 169 -30.83 -24.78 0.08
C THR A 169 -30.03 -23.62 -0.50
N SER A 170 -30.39 -22.40 -0.10
CA SER A 170 -29.69 -21.22 -0.60
C SER A 170 -28.71 -20.71 0.42
N CYS A 171 -27.70 -19.99 -0.07
CA CYS A 171 -26.73 -19.34 0.78
C CYS A 171 -26.17 -18.18 -0.05
N LEU A 172 -25.52 -17.24 0.63
CA LEU A 172 -24.82 -16.11 0.04
C LEU A 172 -25.79 -15.07 -0.53
N GLU A 173 -27.10 -15.23 -0.33
CA GLU A 173 -28.09 -14.35 -0.93
C GLU A 173 -28.51 -13.27 0.06
N LEU A 174 -28.98 -12.14 -0.46
CA LEU A 174 -29.71 -11.21 0.37
C LEU A 174 -31.14 -11.75 0.52
N ASN A 175 -31.76 -11.45 1.65
CA ASN A 175 -33.14 -11.85 1.89
C ASN A 175 -33.73 -10.92 2.94
N LEU A 176 -35.05 -10.99 3.14
CA LEU A 176 -35.67 -10.14 4.16
C LEU A 176 -35.12 -10.47 5.55
N TYR A 177 -34.91 -11.76 5.81
CA TYR A 177 -34.37 -12.20 7.10
C TYR A 177 -33.07 -11.46 7.45
N LYS A 178 -32.29 -11.09 6.43
CA LYS A 178 -31.04 -10.36 6.64
C LYS A 178 -31.17 -8.85 6.52
N ILE A 179 -32.22 -8.32 5.89
CA ILE A 179 -32.12 -6.93 5.41
C ILE A 179 -32.03 -5.94 6.57
N ALA A 180 -32.96 -6.03 7.52
CA ALA A 180 -33.05 -5.03 8.59
C ALA A 180 -31.69 -4.85 9.26
N LYS A 181 -31.01 -5.95 9.55
CA LYS A 181 -29.64 -5.93 10.02
C LYS A 181 -28.76 -5.18 9.02
N LEU A 182 -28.54 -5.81 7.86
CA LEU A 182 -27.51 -5.37 6.92
C LEU A 182 -27.57 -3.87 6.67
N GLN A 183 -28.76 -3.34 6.39
CA GLN A 183 -28.91 -1.92 6.10
C GLN A 183 -28.16 -1.08 7.14
N THR A 184 -28.57 -1.16 8.41
CA THR A 184 -27.83 -0.43 9.44
C THR A 184 -26.40 -0.93 9.53
N MET A 185 -26.23 -2.26 9.53
CA MET A 185 -24.90 -2.84 9.55
C MET A 185 -24.04 -2.33 8.40
N ASN A 186 -24.66 -1.94 7.28
CA ASN A 186 -23.89 -1.31 6.22
C ASN A 186 -23.31 0.02 6.70
N TYR A 187 -24.18 0.95 7.13
CA TYR A 187 -23.76 2.33 7.30
C TYR A 187 -22.57 2.43 8.26
N ILE A 188 -22.72 1.88 9.46
CA ILE A 188 -21.60 1.80 10.40
C ILE A 188 -20.36 1.27 9.69
N ALA A 189 -20.47 0.08 9.10
CA ALA A 189 -19.36 -0.51 8.36
C ALA A 189 -18.88 0.37 7.21
N LEU A 190 -19.79 1.14 6.60
CA LEU A 190 -19.37 2.10 5.57
C LEU A 190 -18.51 3.20 6.18
N VAL A 191 -18.91 3.71 7.35
CA VAL A 191 -18.17 4.82 7.96
C VAL A 191 -16.85 4.32 8.54
N VAL A 192 -16.93 3.31 9.41
CA VAL A 192 -15.78 2.93 10.22
C VAL A 192 -14.85 1.97 9.47
N GLY A 193 -15.40 1.10 8.63
CA GLY A 193 -14.58 0.14 7.92
C GLY A 193 -14.13 0.55 6.53
N CYS A 194 -14.69 1.62 5.99
CA CYS A 194 -14.34 2.02 4.63
C CYS A 194 -13.93 3.47 4.55
N LEU A 195 -14.86 4.38 4.87
CA LEU A 195 -14.58 5.81 4.66
C LEU A 195 -13.51 6.32 5.61
N LEU A 196 -13.55 5.93 6.90
CA LEU A 196 -12.51 6.33 7.82
C LEU A 196 -11.12 5.87 7.37
N PRO A 197 -10.91 4.58 7.07
CA PRO A 197 -9.57 4.17 6.64
C PRO A 197 -9.19 4.76 5.29
N PHE A 198 -10.15 4.98 4.39
CA PHE A 198 -9.82 5.62 3.13
C PHE A 198 -9.30 7.04 3.36
N PHE A 199 -9.97 7.80 4.23
CA PHE A 199 -9.53 9.15 4.52
C PHE A 199 -8.18 9.15 5.21
N THR A 200 -7.97 8.23 6.16
CA THR A 200 -6.69 8.12 6.86
C THR A 200 -5.57 7.80 5.88
N LEU A 201 -5.78 6.79 5.04
CA LEU A 201 -4.83 6.40 4.00
C LEU A 201 -4.50 7.59 3.11
N SER A 202 -5.55 8.26 2.62
CA SER A 202 -5.36 9.37 1.69
C SER A 202 -4.53 10.49 2.33
N ILE A 203 -4.86 10.85 3.57
CA ILE A 203 -4.16 11.96 4.22
C ILE A 203 -2.70 11.61 4.48
N CYS A 204 -2.43 10.40 4.99
CA CYS A 204 -1.05 10.00 5.23
C CYS A 204 -0.24 10.04 3.94
N TYR A 205 -0.81 9.53 2.85
CA TYR A 205 -0.07 9.47 1.60
C TYR A 205 0.06 10.85 0.94
N LEU A 206 -0.92 11.72 1.13
CA LEU A 206 -0.78 13.09 0.63
C LEU A 206 0.32 13.83 1.40
N LEU A 207 0.39 13.65 2.72
CA LEU A 207 1.45 14.25 3.51
C LEU A 207 2.82 13.71 3.10
N ILE A 208 2.90 12.42 2.79
CA ILE A 208 4.17 11.83 2.34
C ILE A 208 4.57 12.41 0.99
N ILE A 209 3.63 12.48 0.04
CA ILE A 209 3.90 13.12 -1.24
C ILE A 209 4.39 14.55 -1.03
N ARG A 210 3.81 15.24 -0.06
CA ARG A 210 4.18 16.62 0.23
C ARG A 210 5.63 16.73 0.73
N VAL A 211 6.02 15.87 1.68
CA VAL A 211 7.40 15.93 2.17
C VAL A 211 8.38 15.54 1.07
N LEU A 212 7.98 14.57 0.22
CA LEU A 212 8.86 14.17 -0.88
C LEU A 212 9.05 15.31 -1.87
N LEU A 213 7.97 16.03 -2.19
CA LEU A 213 8.08 17.16 -3.09
C LEU A 213 8.95 18.26 -2.48
N LYS A 214 8.81 18.48 -1.17
CA LYS A 214 9.65 19.47 -0.50
C LYS A 214 11.13 19.12 -0.64
N VAL A 215 11.49 17.89 -0.29
CA VAL A 215 12.90 17.52 -0.31
C VAL A 215 13.43 17.55 -1.74
N GLU A 216 12.61 17.12 -2.71
CA GLU A 216 13.06 17.11 -4.11
C GLU A 216 13.23 18.51 -4.66
N ALA A 217 12.35 19.44 -4.29
CA ALA A 217 12.49 20.81 -4.74
C ALA A 217 13.75 21.45 -4.17
N ASP A 218 13.98 21.26 -2.86
CA ASP A 218 15.18 21.83 -2.25
C ASP A 218 16.43 21.23 -2.88
N LEU A 219 16.39 19.94 -3.18
CA LEU A 219 17.56 19.25 -3.72
C LEU A 219 17.85 19.69 -5.15
N GLU A 220 16.81 19.87 -5.97
CA GLU A 220 17.00 20.42 -7.30
C GLU A 220 17.54 21.85 -7.24
N ASP A 221 17.03 22.65 -6.31
CA ASP A 221 17.49 24.03 -6.16
C ASP A 221 18.99 24.06 -5.87
N ASN A 222 19.45 23.29 -4.88
CA ASN A 222 20.88 23.28 -4.57
C ASN A 222 21.70 22.66 -5.71
N TRP A 223 21.16 21.64 -6.36
CA TRP A 223 21.80 21.06 -7.54
C TRP A 223 22.12 22.13 -8.57
N GLU A 224 21.21 23.08 -8.76
CA GLU A 224 21.40 24.05 -9.83
C GLU A 224 22.56 24.99 -9.50
N THR A 225 22.64 25.44 -8.24
CA THR A 225 23.78 26.25 -7.80
C THR A 225 25.10 25.50 -7.95
N LEU A 226 25.12 24.23 -7.54
CA LEU A 226 26.34 23.44 -7.68
C LEU A 226 26.77 23.31 -9.14
N ASN A 227 25.82 23.00 -10.04
CA ASN A 227 26.18 22.91 -11.46
C ASN A 227 26.70 24.24 -12.00
N ASP A 228 26.05 25.35 -11.64
CA ASP A 228 26.48 26.65 -12.15
C ASP A 228 27.90 26.97 -11.71
N ASN A 229 28.18 26.80 -10.41
CA ASN A 229 29.50 27.18 -9.91
C ASN A 229 30.57 26.18 -10.36
N LEU A 230 30.23 24.92 -10.57
CA LEU A 230 31.22 23.97 -11.10
C LEU A 230 31.52 24.27 -12.57
N LYS A 231 30.51 24.71 -13.32
CA LYS A 231 30.76 25.15 -14.68
C LYS A 231 31.69 26.37 -14.69
N VAL A 232 31.49 27.28 -13.74
CA VAL A 232 32.40 28.42 -13.60
C VAL A 232 33.81 27.94 -13.29
N ILE A 233 33.95 26.95 -12.41
CA ILE A 233 35.27 26.43 -12.05
C ILE A 233 35.94 25.81 -13.26
N GLU A 234 35.21 24.99 -14.01
CA GLU A 234 35.75 24.42 -15.25
C GLU A 234 36.18 25.51 -16.23
N LYS A 235 35.38 26.56 -16.37
CA LYS A 235 35.78 27.70 -17.20
C LYS A 235 36.50 28.71 -16.32
N ALA A 236 37.68 28.29 -15.85
CA ALA A 236 38.46 29.04 -14.88
C ALA A 236 39.30 30.09 -15.57
N ASP A 237 39.31 31.28 -14.98
CA ASP A 237 40.15 32.40 -15.41
C ASP A 237 41.32 32.68 -14.47
N ASN A 238 41.14 32.48 -13.16
CA ASN A 238 42.18 32.76 -12.19
C ASN A 238 41.84 32.03 -10.89
N ALA A 239 42.58 32.35 -9.83
CA ALA A 239 42.37 31.68 -8.55
C ALA A 239 41.29 32.33 -7.70
N ALA A 240 40.98 33.60 -7.94
CA ALA A 240 39.94 34.27 -7.15
C ALA A 240 38.55 33.79 -7.54
N GLN A 241 38.29 33.64 -8.84
CA GLN A 241 36.97 33.21 -9.28
C GLN A 241 36.69 31.77 -8.87
N VAL A 242 37.72 30.92 -8.90
CA VAL A 242 37.54 29.53 -8.46
C VAL A 242 37.20 29.49 -6.98
N LYS A 243 37.90 30.29 -6.17
CA LYS A 243 37.60 30.35 -4.74
C LYS A 243 36.18 30.87 -4.50
N ASP A 244 35.76 31.85 -5.29
CA ASP A 244 34.41 32.41 -5.15
C ASP A 244 33.35 31.36 -5.45
N ALA A 245 33.51 30.65 -6.57
CA ALA A 245 32.59 29.57 -6.91
C ALA A 245 32.58 28.49 -5.84
N LEU A 246 33.74 28.16 -5.28
CA LEU A 246 33.80 27.14 -4.24
C LEU A 246 33.09 27.60 -2.97
N THR A 247 33.22 28.89 -2.62
CA THR A 247 32.50 29.41 -1.48
C THR A 247 30.99 29.29 -1.67
N LYS A 248 30.50 29.69 -2.85
CA LYS A 248 29.09 29.54 -3.15
C LYS A 248 28.65 28.07 -3.07
N MET A 249 29.45 27.16 -3.64
CA MET A 249 29.16 25.74 -3.57
C MET A 249 29.04 25.26 -2.14
N ARG A 250 29.99 25.65 -1.28
CA ARG A 250 30.00 25.17 0.10
C ARG A 250 28.79 25.71 0.86
N ALA A 251 28.42 26.97 0.61
CA ALA A 251 27.20 27.50 1.22
C ALA A 251 25.99 26.67 0.82
N ALA A 252 25.83 26.43 -0.49
CA ALA A 252 24.68 25.66 -0.96
C ALA A 252 24.69 24.25 -0.39
N ALA A 253 25.87 23.66 -0.23
CA ALA A 253 25.96 22.30 0.28
C ALA A 253 25.61 22.24 1.76
N LEU A 254 26.00 23.26 2.52
CA LEU A 254 25.65 23.26 3.93
C LEU A 254 24.17 23.53 4.14
N ASP A 255 23.53 24.30 3.25
CA ASP A 255 22.08 24.42 3.31
C ASP A 255 21.41 23.07 3.11
N ALA A 256 21.89 22.28 2.15
CA ALA A 256 21.28 20.99 1.87
C ALA A 256 21.45 20.02 3.04
N GLN A 257 22.61 20.08 3.70
CA GLN A 257 22.87 19.19 4.84
C GLN A 257 21.93 19.48 6.00
N LYS A 258 21.58 20.76 6.20
CA LYS A 258 20.69 21.11 7.30
C LYS A 258 19.26 20.66 7.01
N ALA A 259 18.79 20.87 5.78
CA ALA A 259 17.44 20.51 5.39
C ALA A 259 17.33 19.08 4.88
N THR A 260 18.14 18.16 5.41
CA THR A 260 18.02 16.76 5.01
C THR A 260 16.67 16.15 5.37
N PRO A 261 16.07 16.41 6.55
CA PRO A 261 14.73 15.85 6.77
C PRO A 261 13.68 16.41 5.81
N SER A 271 19.07 4.40 10.65
CA SER A 271 18.61 4.30 9.28
C SER A 271 19.79 4.09 8.32
N PRO A 272 19.66 3.12 7.42
CA PRO A 272 20.74 2.85 6.47
C PRO A 272 20.82 3.89 5.36
N GLU A 273 19.67 4.28 4.81
CA GLU A 273 19.66 5.25 3.72
C GLU A 273 19.99 6.65 4.22
N MET A 274 19.53 7.00 5.42
CA MET A 274 19.78 8.32 5.96
C MET A 274 21.24 8.52 6.35
N LYS A 275 21.91 7.46 6.80
CA LYS A 275 23.32 7.57 7.16
C LYS A 275 24.19 7.81 5.93
N ASP A 276 23.88 7.12 4.83
CA ASP A 276 24.64 7.31 3.60
C ASP A 276 24.53 8.74 3.08
N PHE A 277 23.34 9.33 3.18
CA PHE A 277 23.16 10.70 2.69
C PHE A 277 23.95 11.71 3.53
N ARG A 278 23.86 11.60 4.86
CA ARG A 278 24.62 12.50 5.72
C ARG A 278 26.12 12.32 5.51
N HIS A 279 26.58 11.08 5.34
CA HIS A 279 28.00 10.84 5.07
C HIS A 279 28.41 11.48 3.76
N GLY A 280 27.60 11.33 2.71
CA GLY A 280 27.90 11.95 1.44
C GLY A 280 27.98 13.46 1.53
N PHE A 281 27.04 14.07 2.27
CA PHE A 281 27.08 15.52 2.45
C PHE A 281 28.34 15.95 3.18
N ASP A 282 28.70 15.25 4.26
CA ASP A 282 29.90 15.58 5.01
C ASP A 282 31.15 15.50 4.14
N ILE A 283 31.30 14.40 3.40
CA ILE A 283 32.52 14.26 2.61
C ILE A 283 32.51 15.21 1.41
N LEU A 284 31.32 15.60 0.91
CA LEU A 284 31.27 16.63 -0.12
C LEU A 284 31.80 17.97 0.41
N VAL A 285 31.34 18.35 1.61
CA VAL A 285 31.85 19.57 2.22
C VAL A 285 33.35 19.45 2.48
N GLY A 286 33.82 18.25 2.80
CA GLY A 286 35.25 18.05 3.00
C GLY A 286 36.05 18.24 1.73
N GLN A 287 35.55 17.69 0.63
CA GLN A 287 36.24 17.86 -0.65
C GLN A 287 36.21 19.31 -1.11
N ILE A 288 35.13 20.04 -0.80
CA ILE A 288 35.08 21.46 -1.15
C ILE A 288 36.07 22.25 -0.30
N ASP A 289 36.22 21.90 0.96
CA ASP A 289 37.28 22.53 1.76
C ASP A 289 38.66 22.20 1.21
N ASP A 290 38.85 20.96 0.74
CA ASP A 290 40.09 20.60 0.07
C ASP A 290 40.35 21.50 -1.12
N ALA A 291 39.33 21.73 -1.95
CA ALA A 291 39.48 22.58 -3.12
C ALA A 291 39.77 24.03 -2.71
N LEU A 292 39.10 24.51 -1.67
CA LEU A 292 39.30 25.88 -1.21
C LEU A 292 40.72 26.10 -0.68
N LYS A 293 41.25 25.11 0.06
CA LYS A 293 42.65 25.17 0.47
C LYS A 293 43.54 25.42 -0.74
N LEU A 294 43.31 24.68 -1.81
CA LEU A 294 44.07 24.84 -3.04
C LEU A 294 43.86 26.23 -3.65
N ALA A 295 42.66 26.80 -3.46
CA ALA A 295 42.36 28.11 -4.05
C ALA A 295 43.08 29.23 -3.30
N ASN A 296 43.27 29.09 -1.99
CA ASN A 296 44.15 30.04 -1.30
C ASN A 296 45.57 30.00 -1.84
N GLU A 297 46.11 28.80 -2.07
CA GLU A 297 47.47 28.75 -2.61
C GLU A 297 47.59 29.27 -4.04
N GLY A 298 46.47 29.60 -4.69
CA GLY A 298 46.56 30.08 -6.06
C GLY A 298 46.92 29.01 -7.05
N LYS A 299 46.74 27.74 -6.72
CA LYS A 299 47.07 26.62 -7.61
C LYS A 299 45.78 26.21 -8.29
N VAL A 300 45.60 26.68 -9.53
CA VAL A 300 44.28 26.62 -10.15
C VAL A 300 43.95 25.20 -10.61
N LYS A 301 44.94 24.46 -11.12
CA LYS A 301 44.67 23.14 -11.71
C LYS A 301 44.21 22.13 -10.65
N GLU A 302 44.97 22.04 -9.55
CA GLU A 302 44.61 21.16 -8.45
C GLU A 302 43.16 21.35 -8.02
N ALA A 303 42.73 22.61 -7.92
CA ALA A 303 41.37 22.91 -7.49
C ALA A 303 40.34 22.34 -8.46
N GLN A 304 40.60 22.45 -9.76
CA GLN A 304 39.64 21.99 -10.75
C GLN A 304 39.53 20.47 -10.73
N ALA A 305 40.66 19.80 -10.52
CA ALA A 305 40.63 18.34 -10.35
C ALA A 305 39.76 17.95 -9.15
N ALA A 306 39.97 18.62 -8.02
CA ALA A 306 39.14 18.37 -6.85
C ALA A 306 37.66 18.58 -7.16
N ALA A 307 37.35 19.63 -7.93
CA ALA A 307 35.97 19.91 -8.29
C ALA A 307 35.37 18.77 -9.10
N GLU A 308 36.13 18.24 -10.07
CA GLU A 308 35.62 17.12 -10.87
C GLU A 308 35.30 15.92 -9.98
N GLN A 309 36.19 15.59 -9.04
CA GLN A 309 35.92 14.42 -8.22
C GLN A 309 34.71 14.66 -7.31
N LEU A 310 34.53 15.89 -6.86
CA LEU A 310 33.33 16.24 -6.09
C LEU A 310 32.06 16.05 -6.92
N LYS A 311 32.13 16.37 -8.22
CA LYS A 311 30.99 16.13 -9.10
C LYS A 311 30.64 14.65 -9.15
N THR A 312 31.67 13.81 -9.28
CA THR A 312 31.42 12.36 -9.25
C THR A 312 30.67 11.95 -8.00
N THR A 313 31.16 12.40 -6.83
CA THR A 313 30.48 12.09 -5.58
C THR A 313 29.01 12.52 -5.58
N ARG A 314 28.75 13.75 -6.03
CA ARG A 314 27.38 14.27 -6.02
C ARG A 314 26.46 13.42 -6.89
N ASN A 315 26.94 13.00 -8.07
CA ASN A 315 26.10 12.16 -8.93
C ASN A 315 25.79 10.83 -8.26
N ALA A 316 26.77 10.24 -7.58
CA ALA A 316 26.50 9.00 -6.85
C ALA A 316 25.38 9.19 -5.83
N TYR A 317 25.48 10.25 -5.02
CA TYR A 317 24.47 10.50 -4.00
C TYR A 317 23.08 10.67 -4.63
N ILE A 318 23.02 11.35 -5.78
CA ILE A 318 21.73 11.61 -6.41
C ILE A 318 21.11 10.32 -6.94
N GLN A 319 21.92 9.44 -7.52
CA GLN A 319 21.39 8.14 -7.95
C GLN A 319 20.79 7.38 -6.77
N LYS A 320 21.54 7.31 -5.67
CA LYS A 320 21.05 6.59 -4.49
C LYS A 320 19.76 7.18 -3.96
N TYR A 321 19.62 8.50 -4.00
CA TYR A 321 18.36 9.11 -3.56
C TYR A 321 17.22 8.82 -4.53
N LEU A 322 17.49 8.91 -5.84
CA LEU A 322 16.40 8.83 -6.81
C LEU A 322 15.75 7.45 -6.83
N VAL A 323 16.56 6.40 -6.68
CA VAL A 323 15.97 5.05 -6.64
C VAL A 323 15.02 4.91 -5.45
N SER A 324 15.47 5.37 -4.27
CA SER A 324 14.63 5.33 -3.08
C SER A 324 13.34 6.12 -3.29
N HIS A 325 13.45 7.30 -3.90
CA HIS A 325 12.28 8.14 -4.17
C HIS A 325 11.26 7.39 -5.02
N ARG A 326 11.73 6.78 -6.12
CA ARG A 326 10.82 6.07 -7.02
C ARG A 326 10.11 4.93 -6.31
N LYS A 327 10.86 4.12 -5.55
CA LYS A 327 10.21 3.02 -4.81
C LYS A 327 9.17 3.55 -3.82
N ALA A 328 9.53 4.61 -3.09
CA ALA A 328 8.64 5.18 -2.10
C ALA A 328 7.32 5.64 -2.72
N LEU A 329 7.38 6.26 -3.91
CA LEU A 329 6.14 6.68 -4.54
C LEU A 329 5.36 5.50 -5.13
N THR A 330 6.08 4.50 -5.65
CA THR A 330 5.39 3.38 -6.29
C THR A 330 4.53 2.62 -5.30
N THR A 331 5.05 2.33 -4.10
CA THR A 331 4.25 1.60 -3.11
C THR A 331 2.99 2.39 -2.74
N ILE A 332 3.13 3.69 -2.53
CA ILE A 332 2.01 4.55 -2.16
C ILE A 332 0.91 4.49 -3.23
N ILE A 333 1.29 4.71 -4.48
CA ILE A 333 0.30 4.80 -5.54
C ILE A 333 -0.37 3.44 -5.77
N ILE A 334 0.38 2.35 -5.65
CA ILE A 334 -0.23 1.03 -5.79
C ILE A 334 -1.25 0.79 -4.70
N THR A 335 -0.94 1.18 -3.47
CA THR A 335 -1.91 0.99 -2.40
C THR A 335 -3.16 1.82 -2.64
N LEU A 336 -3.00 3.08 -3.07
CA LEU A 336 -4.18 3.88 -3.35
C LEU A 336 -5.03 3.25 -4.45
N ILE A 337 -4.39 2.73 -5.50
CA ILE A 337 -5.15 2.15 -6.61
C ILE A 337 -5.92 0.91 -6.15
N ILE A 338 -5.21 -0.02 -5.51
CA ILE A 338 -5.86 -1.25 -5.03
C ILE A 338 -7.03 -0.90 -4.11
N PHE A 339 -6.75 -0.08 -3.08
CA PHE A 339 -7.78 0.26 -2.12
C PHE A 339 -8.98 0.89 -2.79
N PHE A 340 -8.74 1.90 -3.64
CA PHE A 340 -9.80 2.65 -4.30
C PHE A 340 -10.67 1.68 -5.05
N LEU A 341 -10.09 1.06 -6.09
CA LEU A 341 -10.88 0.34 -7.08
C LEU A 341 -11.51 -0.91 -6.50
N CYS A 342 -10.87 -1.56 -5.53
CA CYS A 342 -11.43 -2.79 -5.00
C CYS A 342 -12.60 -2.53 -4.05
N PHE A 343 -12.58 -1.42 -3.31
CA PHE A 343 -13.50 -1.26 -2.19
C PHE A 343 -14.52 -0.14 -2.37
N LEU A 344 -14.11 1.05 -2.80
CA LEU A 344 -15.07 2.17 -2.84
C LEU A 344 -16.19 1.96 -3.84
N PRO A 345 -16.01 1.42 -5.05
CA PRO A 345 -17.17 1.10 -5.88
C PRO A 345 -18.11 0.10 -5.22
N TYR A 346 -17.55 -0.94 -4.61
CA TYR A 346 -18.38 -1.95 -3.97
C TYR A 346 -19.17 -1.37 -2.79
N HIS A 347 -18.53 -0.57 -1.94
CA HIS A 347 -19.28 0.01 -0.83
C HIS A 347 -20.35 0.99 -1.32
N THR A 348 -20.03 1.80 -2.33
CA THR A 348 -21.03 2.73 -2.85
C THR A 348 -22.23 1.97 -3.39
N LEU A 349 -21.98 0.98 -4.25
CA LEU A 349 -23.07 0.25 -4.86
C LEU A 349 -23.81 -0.62 -3.85
N ARG A 350 -23.12 -1.12 -2.83
CA ARG A 350 -23.80 -1.88 -1.78
C ARG A 350 -24.75 -0.99 -1.00
N THR A 351 -24.31 0.23 -0.68
CA THR A 351 -25.20 1.18 0.00
C THR A 351 -26.43 1.48 -0.83
N VAL A 352 -26.22 1.82 -2.12
CA VAL A 352 -27.35 2.16 -2.98
C VAL A 352 -28.29 0.98 -3.15
N HIS A 353 -27.75 -0.23 -3.30
CA HIS A 353 -28.58 -1.42 -3.44
C HIS A 353 -29.41 -1.67 -2.19
N LEU A 354 -28.82 -1.48 -1.01
CA LEU A 354 -29.56 -1.72 0.22
C LEU A 354 -30.65 -0.69 0.44
N THR A 355 -30.41 0.59 0.11
CA THR A 355 -31.44 1.58 0.41
C THR A 355 -32.67 1.42 -0.47
N THR A 356 -32.52 0.88 -1.67
CA THR A 356 -33.64 0.78 -2.62
C THR A 356 -34.29 -0.59 -2.63
N TRP A 357 -33.84 -1.53 -1.80
CA TRP A 357 -34.25 -2.91 -1.97
C TRP A 357 -35.73 -3.06 -1.68
N LYS A 358 -36.44 -3.73 -2.59
CA LYS A 358 -37.82 -4.16 -2.37
C LYS A 358 -37.86 -5.67 -2.46
N VAL A 359 -38.76 -6.28 -1.68
CA VAL A 359 -38.82 -7.73 -1.60
C VAL A 359 -39.18 -8.33 -2.96
N GLY A 360 -40.18 -7.76 -3.62
CA GLY A 360 -40.68 -8.32 -4.86
C GLY A 360 -40.08 -7.72 -6.12
N LEU A 361 -39.48 -6.54 -6.00
CA LEU A 361 -38.98 -5.83 -7.18
C LEU A 361 -37.65 -6.41 -7.65
N CYS A 362 -37.51 -6.54 -8.97
CA CYS A 362 -36.23 -6.84 -9.60
C CYS A 362 -35.54 -5.53 -9.95
N LYS A 363 -34.43 -5.25 -9.30
CA LYS A 363 -33.55 -4.15 -9.68
C LYS A 363 -32.33 -4.73 -10.38
N ASP A 364 -32.56 -5.30 -11.56
CA ASP A 364 -31.57 -6.15 -12.22
C ASP A 364 -30.25 -5.44 -12.42
N ARG A 365 -30.28 -4.21 -12.97
CA ARG A 365 -29.05 -3.57 -13.42
C ARG A 365 -28.17 -3.16 -12.24
N LEU A 366 -28.77 -2.57 -11.20
CA LEU A 366 -28.01 -2.19 -10.02
C LEU A 366 -27.42 -3.43 -9.35
N HIS A 367 -28.23 -4.48 -9.23
CA HIS A 367 -27.80 -5.71 -8.57
C HIS A 367 -26.64 -6.35 -9.32
N LYS A 368 -26.69 -6.28 -10.66
CA LYS A 368 -25.59 -6.78 -11.48
C LYS A 368 -24.32 -5.97 -11.26
N ALA A 369 -24.46 -4.64 -11.18
CA ALA A 369 -23.31 -3.79 -10.87
C ALA A 369 -22.72 -4.17 -9.51
N LEU A 370 -23.58 -4.42 -8.53
CA LEU A 370 -23.12 -4.82 -7.20
C LEU A 370 -22.37 -6.13 -7.25
N VAL A 371 -22.85 -7.09 -8.06
CA VAL A 371 -22.16 -8.36 -8.22
C VAL A 371 -20.76 -8.14 -8.77
N ILE A 372 -20.65 -7.31 -9.80
CA ILE A 372 -19.35 -7.07 -10.43
C ILE A 372 -18.38 -6.44 -9.42
N THR A 373 -18.84 -5.46 -8.66
CA THR A 373 -17.94 -4.82 -7.71
C THR A 373 -17.65 -5.69 -6.49
N LEU A 374 -18.56 -6.60 -6.13
CA LEU A 374 -18.26 -7.59 -5.10
C LEU A 374 -17.15 -8.52 -5.56
N ALA A 375 -17.18 -8.90 -6.84
CA ALA A 375 -16.07 -9.68 -7.40
C ALA A 375 -14.76 -8.89 -7.33
N LEU A 376 -14.81 -7.60 -7.68
CA LEU A 376 -13.61 -6.76 -7.56
C LEU A 376 -13.11 -6.70 -6.11
N ALA A 377 -14.03 -6.57 -5.15
CA ALA A 377 -13.63 -6.51 -3.74
C ALA A 377 -13.00 -7.83 -3.30
N ALA A 378 -13.54 -8.96 -3.78
CA ALA A 378 -12.96 -10.25 -3.42
C ALA A 378 -11.59 -10.46 -4.07
N ALA A 379 -11.38 -9.92 -5.28
CA ALA A 379 -10.10 -10.02 -5.97
C ALA A 379 -8.95 -9.34 -5.24
N ASN A 380 -9.23 -8.61 -4.15
CA ASN A 380 -8.18 -7.96 -3.42
C ASN A 380 -7.19 -8.97 -2.85
N ALA A 381 -7.68 -10.14 -2.45
CA ALA A 381 -6.87 -11.19 -1.85
C ALA A 381 -5.83 -11.76 -2.81
N CYS A 382 -6.02 -11.62 -4.12
CA CYS A 382 -4.98 -11.96 -5.06
C CYS A 382 -4.30 -10.74 -5.66
N PHE A 383 -4.84 -9.54 -5.43
CA PHE A 383 -4.14 -8.33 -5.86
C PHE A 383 -3.05 -7.90 -4.90
N ASN A 384 -3.20 -8.17 -3.60
CA ASN A 384 -2.25 -7.67 -2.62
C ASN A 384 -0.81 -8.20 -2.77
N PRO A 385 -0.54 -9.38 -3.33
CA PRO A 385 0.88 -9.77 -3.52
C PRO A 385 1.71 -8.81 -4.36
N LEU A 386 1.09 -7.93 -5.15
CA LEU A 386 1.87 -6.87 -5.81
C LEU A 386 2.55 -5.97 -4.80
N LEU A 387 1.83 -5.58 -3.75
CA LEU A 387 2.45 -4.82 -2.66
C LEU A 387 3.60 -5.61 -2.05
N TYR A 388 3.42 -6.93 -1.93
CA TYR A 388 4.47 -7.78 -1.38
C TYR A 388 5.66 -7.83 -2.32
N TYR A 389 5.39 -7.83 -3.63
CA TYR A 389 6.45 -7.70 -4.62
C TYR A 389 7.25 -6.45 -4.31
N PHE A 390 6.64 -5.30 -4.56
CA PHE A 390 7.41 -4.05 -4.66
C PHE A 390 7.97 -3.63 -3.31
N ALA A 391 7.12 -3.55 -2.29
CA ALA A 391 7.59 -3.08 -0.99
C ALA A 391 8.37 -4.15 -0.25
N GLY A 392 8.15 -5.42 -0.59
CA GLY A 392 8.74 -6.52 0.17
C GLY A 392 10.22 -6.73 -0.09
N GLU A 393 10.57 -7.11 -1.32
CA GLU A 393 11.94 -7.43 -1.68
C GLU A 393 12.73 -6.23 -2.17
N ASN A 394 12.29 -5.00 -1.88
CA ASN A 394 12.92 -3.83 -2.48
C ASN A 394 14.33 -3.60 -1.95
N PHE A 395 14.63 -4.07 -0.74
CA PHE A 395 15.94 -3.85 -0.15
C PHE A 395 17.03 -4.51 -0.98
N LYS A 396 18.00 -3.70 -1.40
CA LYS A 396 19.11 -4.15 -2.24
C LYS A 396 18.62 -4.82 -3.53
C4 KNZ B . -25.91 -10.05 -2.09
C14 KNZ B . -23.15 -5.89 4.78
C5 KNZ B . -24.79 -9.72 -3.08
C6 KNZ B . -25.22 -9.90 -4.52
C11 KNZ B . -25.54 -6.08 1.04
C7 KNZ B . -25.70 -11.31 -4.83
C8 KNZ B . -25.57 -8.61 -0.11
C9 KNZ B . -26.12 -7.51 -0.78
C10 KNZ B . -26.10 -6.27 -0.20
C12 KNZ B . -25.00 -7.16 1.72
C13 KNZ B . -24.12 -5.81 3.63
N1 KNZ B . -25.55 -9.86 -0.68
N2 KNZ B . -24.41 -6.98 3.01
C3 KNZ B . -25.09 -11.04 0.06
C1 KNZ B . -25.01 -10.76 1.56
C15 KNZ B . -22.68 -7.05 5.39
C16 KNZ B . -21.79 -7.04 6.44
C17 KNZ B . -21.35 -5.82 6.91
C18 KNZ B . -19.83 -6.89 8.46
C19 KNZ B . -18.80 -6.43 9.45
C2 KNZ B . -24.25 -11.85 2.29
C20 KNZ B . -19.37 -5.67 10.64
C21 KNZ B . -18.32 -5.00 11.48
C22 KNZ B . -16.60 -3.32 11.15
C23 KNZ B . -15.60 -3.05 10.23
C24 KNZ B . -14.45 -2.39 10.60
C25 KNZ B . -14.27 -1.95 11.90
C26 KNZ B . -15.25 -2.20 12.81
C27 KNZ B . -16.42 -2.87 12.46
C28 KNZ B . -21.80 -4.64 6.34
C29 KNZ B . -22.69 -4.68 5.30
C30 KNZ B . -25.01 -8.44 1.15
F1 KNZ B . -15.12 -1.79 14.09
F2 KNZ B . -17.37 -3.08 13.38
F3 KNZ B . -23.11 -8.23 4.92
O1 KNZ B . -24.68 -12.98 2.29
O2 KNZ B . -23.21 -11.59 2.84
O3 KNZ B . -26.90 -11.46 -5.15
O4 KNZ B . -24.89 -12.25 -4.74
O5 KNZ B . -24.54 -4.72 3.28
O6 KNZ B . -20.47 -5.70 7.95
O7 KNZ B . -24.46 -9.47 1.85
O8 KNZ B . -17.72 -3.97 10.69
C18 OLC C . -10.06 -13.98 7.59
C10 OLC C . -12.01 -22.27 5.91
C9 OLC C . -12.79 -23.16 5.33
C17 OLC C . -11.02 -15.17 7.59
C11 OLC C . -12.53 -21.44 7.07
C8 OLC C . -14.21 -23.38 5.81
C24 OLC C . -22.75 -31.34 6.12
C16 OLC C . -11.27 -15.63 9.03
C12 OLC C . -11.65 -20.19 7.19
C7 OLC C . -14.95 -24.25 4.80
C15 OLC C . -12.14 -16.88 9.00
C13 OLC C . -12.37 -19.16 8.04
C6 OLC C . -16.05 -25.03 5.52
C14 OLC C . -11.51 -17.90 8.06
C5 OLC C . -16.49 -26.23 4.67
C4 OLC C . -16.74 -27.43 5.59
C3 OLC C . -17.11 -28.67 4.77
C2 OLC C . -18.53 -29.09 5.11
C21 OLC C . -20.31 -31.65 5.95
C1 OLC C . -18.77 -30.52 4.62
C22 OLC C . -21.65 -32.36 5.89
O19 OLC C . -17.86 -31.16 4.21
O25 OLC C . -23.00 -31.23 7.50
O23 OLC C . -21.80 -32.94 4.61
O20 OLC C . -20.02 -31.06 4.68
C10 OLC D . -6.47 -18.36 -14.39
C9 OLC D . -6.81 -19.25 -13.50
C11 OLC D . -6.82 -18.53 -15.86
C8 OLC D . -7.58 -20.49 -13.94
C24 OLC D . -20.81 -21.20 -15.30
C12 OLC D . -6.81 -17.16 -16.54
C7 OLC D . -9.04 -20.41 -13.43
C15 OLC D . -10.29 -17.04 -18.11
C13 OLC D . -8.25 -16.71 -16.70
C6 OLC D . -9.98 -20.65 -14.61
C14 OLC D . -8.93 -17.61 -17.74
C5 OLC D . -11.37 -21.00 -14.07
C4 OLC D . -12.33 -21.20 -15.24
C3 OLC D . -13.75 -21.43 -14.71
C2 OLC D . -14.73 -21.38 -15.88
C21 OLC D . -18.44 -21.74 -15.82
C1 OLC D . -16.17 -21.39 -15.37
C22 OLC D . -19.61 -20.85 -16.19
O19 OLC D . -16.40 -21.59 -14.23
O25 OLC D . -21.93 -21.41 -16.12
O23 OLC D . -19.27 -19.51 -15.99
O20 OLC D . -17.20 -21.16 -16.25
C10 OLC E . -23.35 5.41 -8.91
C9 OLC E . -24.58 5.11 -9.26
C11 OLC E . -22.96 5.90 -7.52
C8 OLC E . -25.78 5.20 -8.31
C24 OLC E . -37.32 -1.16 -11.11
C12 OLC E . -21.47 6.23 -7.53
C7 OLC E . -26.72 4.03 -8.63
C13 OLC E . -21.23 7.55 -6.79
C6 OLC E . -28.19 4.41 -8.56
C14 OLC E . -19.91 7.48 -6.02
C5 OLC E . -29.03 3.33 -9.26
C4 OLC E . -30.47 3.28 -8.76
C3 OLC E . -31.20 2.15 -9.50
C2 OLC E . -32.63 1.99 -9.00
C21 OLC E . -35.60 0.30 -10.02
C1 OLC E . -33.37 1.03 -9.93
C22 OLC E . -35.94 -0.52 -11.27
O19 OLC E . -32.84 0.04 -10.29
O25 OLC E . -37.36 -2.32 -11.90
O23 OLC E . -35.93 0.31 -12.40
O20 OLC E . -34.65 1.31 -10.37
C24 OLC F . -23.64 -13.29 -18.87
C7 OLC F . -12.02 -11.64 -15.91
C6 OLC F . -13.01 -12.51 -16.69
C5 OLC F . -14.42 -11.96 -16.52
C4 OLC F . -15.42 -13.06 -16.87
C3 OLC F . -16.72 -12.44 -17.39
C2 OLC F . -17.58 -13.55 -17.98
C21 OLC F . -21.33 -13.61 -17.99
C1 OLC F . -19.05 -13.10 -17.98
C22 OLC F . -22.17 -13.39 -19.25
O19 OLC F . -19.34 -12.02 -17.61
O25 OLC F . -24.29 -14.51 -19.17
O23 OLC F . -21.77 -12.21 -19.88
O20 OLC F . -20.02 -13.98 -18.40
C10 OLC G . -3.68 -20.18 6.80
C9 OLC G . -2.73 -20.07 7.70
C17 OLC G . -9.83 -24.95 4.61
C11 OLC G . -3.52 -21.14 5.62
C8 OLC G . -1.45 -20.89 7.60
C16 OLC G . -8.30 -24.89 4.51
C12 OLC G . -4.88 -21.37 4.98
C7 OLC G . -0.26 -19.98 7.89
C15 OLC G . -7.78 -23.64 5.24
C13 OLC G . -5.63 -22.46 5.74
C6 OLC G . 0.74 -20.72 8.78
C14 OLC G . -6.37 -23.34 4.73
C5 OLC G . 1.42 -19.71 9.70
C10 OLC H . -23.90 6.75 -1.78
C9 OLC H . -25.17 6.97 -2.07
C11 OLC H . -23.48 6.47 -0.33
C8 OLC H . -26.22 6.94 -0.97
C12 OLC H . -22.09 5.83 -0.34
C7 OLC H . -27.58 7.31 -1.56
C13 OLC H . -21.03 6.91 -0.51
C6 OLC H . -28.62 6.31 -1.09
C5 OLC H . -29.99 6.69 -1.61
C16 OLC I . -5.79 5.83 12.44
C12 OLC I . -2.90 8.45 14.56
C15 OLC I . -6.19 7.16 13.04
C13 OLC I . -3.90 8.00 13.48
C14 OLC I . -5.20 7.55 14.13
C18 OLC J . -14.57 -8.06 -13.70
C10 OLC J . -6.55 -11.88 -11.20
C9 OLC J . -5.25 -11.59 -11.24
C17 OLC J . -14.48 -8.81 -12.37
C11 OLC J . -7.64 -10.91 -11.65
C8 OLC J . -4.72 -10.24 -11.74
C16 OLC J . -13.06 -8.74 -11.83
C12 OLC J . -8.93 -11.23 -10.87
C7 OLC J . -3.58 -9.74 -10.85
C15 OLC J . -12.50 -10.14 -11.63
C13 OLC J . -10.17 -11.03 -11.73
C6 OLC J . -2.61 -10.87 -10.50
C14 OLC J . -11.09 -10.05 -11.02
C5 OLC J . -1.90 -10.53 -9.19
C4 OLC J . -0.64 -11.37 -9.02
C18 OLC K . -17.02 8.05 -3.79
C17 OLC K . -16.15 9.26 -4.08
C16 OLC K . -14.67 8.91 -3.86
C15 OLC K . -13.84 10.19 -3.90
C10 OLC L . -0.57 -14.21 -13.70
C9 OLC L . 0.34 -14.11 -12.73
C11 OLC L . -2.01 -14.64 -13.43
C8 OLC L . 0.03 -14.42 -11.26
C24 OLC L . 7.52 -11.66 -0.85
C12 OLC L . -2.82 -14.50 -14.71
C7 OLC L . 1.29 -14.12 -10.44
C13 OLC L . -4.03 -13.60 -14.47
C6 OLC L . 1.12 -14.55 -8.99
C14 OLC L . -5.24 -14.11 -15.25
C5 OLC L . 2.50 -14.74 -8.35
C4 OLC L . 2.88 -13.53 -7.50
C3 OLC L . 3.82 -13.97 -6.38
C2 OLC L . 5.08 -13.09 -6.33
C21 OLC L . 6.45 -12.46 -2.96
C1 OLC L . 5.16 -12.43 -4.95
C22 OLC L . 7.02 -11.25 -2.23
O19 OLC L . 4.17 -12.12 -4.37
O25 OLC L . 8.37 -10.67 -0.31
O23 OLC L . 8.07 -10.70 -2.98
O20 OLC L . 6.39 -12.20 -4.36
C1 OLA M . -17.80 -30.68 -4.65
C2 OLA M . -16.31 -30.46 -4.58
C3 OLA M . -16.03 -29.22 -3.74
C4 OLA M . -14.53 -29.08 -3.46
C5 OLA M . -14.28 -28.18 -2.25
C6 OLA M . -12.96 -28.51 -1.58
C7 OLA M . -11.78 -28.07 -2.43
C8 OLA M . -10.54 -27.72 -1.61
C9 OLA M . -10.90 -26.73 -0.52
C10 OLA M . -9.97 -26.10 0.18
C11 OLA M . -8.49 -26.30 -0.09
C12 OLA M . -7.72 -25.04 0.33
C13 OLA M . -6.30 -25.05 -0.23
C14 OLA M . -5.44 -24.01 0.47
C1 OLA N . -21.90 -33.59 1.12
O1 OLA N . -22.72 -33.84 0.20
O2 OLA N . -22.24 -33.12 2.23
C2 OLA N . -20.44 -33.88 0.87
C3 OLA N . -19.79 -32.70 0.16
C4 OLA N . -18.30 -32.93 -0.04
C5 OLA N . -17.52 -32.59 1.22
C6 OLA N . -16.60 -31.40 0.97
C7 OLA N . -15.29 -31.51 1.74
C1 OLA O . -22.51 -8.31 -19.20
O1 OLA O . -23.27 -9.08 -19.83
O2 OLA O . -22.85 -7.16 -18.83
C2 OLA O . -21.12 -8.77 -18.87
C3 OLA O . -20.44 -7.79 -17.92
C4 OLA O . -18.92 -7.90 -18.02
C5 OLA O . -18.25 -7.59 -16.67
#